data_9EP7
#
_entry.id   9EP7
#
_entity_poly.entity_id   1
_entity_poly.type   'polypeptide(L)'
_entity_poly.pdbx_seq_one_letter_code
;ECRQMFGGCTKDSECCAHLGCRTKWPYYCAWDGTV(NH2)
;
_entity_poly.pdbx_strand_id   A
#
loop_
_chem_comp.id
_chem_comp.type
_chem_comp.name
_chem_comp.formula
NH2 non-polymer 'AMINO GROUP' 'H2 N'
#
# COMPACT_ATOMS: atom_id res chain seq x y z
N GLU A 1 -1.82 13.38 3.49
CA GLU A 1 -0.82 13.06 2.45
C GLU A 1 -0.40 11.61 2.58
N CYS A 2 -1.25 10.66 2.14
CA CYS A 2 -0.87 9.24 2.12
C CYS A 2 -1.38 8.63 0.85
N ARG A 3 -1.04 7.34 0.57
CA ARG A 3 -1.38 6.75 -0.73
C ARG A 3 -2.44 5.69 -0.58
N GLN A 4 -3.44 5.70 -1.49
CA GLN A 4 -4.65 4.87 -1.31
C GLN A 4 -4.49 3.55 -2.00
N MET A 5 -5.48 2.64 -1.87
CA MET A 5 -5.29 1.29 -2.40
C MET A 5 -4.93 1.34 -3.86
N PHE A 6 -4.07 0.41 -4.33
CA PHE A 6 -3.65 0.39 -5.72
C PHE A 6 -2.81 1.59 -6.13
N GLY A 7 -2.18 2.34 -5.18
CA GLY A 7 -1.27 3.41 -5.59
C GLY A 7 0.15 2.92 -5.49
N GLY A 8 1.03 3.20 -6.48
CA GLY A 8 2.40 2.70 -6.46
C GLY A 8 3.18 3.17 -5.26
N CYS A 9 3.71 2.25 -4.40
CA CYS A 9 4.46 2.64 -3.21
C CYS A 9 5.91 2.33 -3.45
N THR A 10 6.78 2.74 -2.50
CA THR A 10 8.04 2.02 -2.29
C THR A 10 7.94 1.12 -1.07
N LYS A 11 7.14 1.46 -0.02
CA LYS A 11 7.08 0.66 1.19
C LYS A 11 5.71 0.79 1.82
N ASP A 12 5.37 -0.01 2.86
CA ASP A 12 4.13 0.22 3.59
C ASP A 12 4.13 1.62 4.16
N SER A 13 5.29 2.10 4.66
CA SER A 13 5.34 3.44 5.22
C SER A 13 4.81 4.47 4.24
N GLU A 14 4.81 4.22 2.90
CA GLU A 14 4.22 5.18 1.97
C GLU A 14 2.81 4.76 1.59
N CYS A 15 2.00 4.25 2.54
CA CYS A 15 0.61 3.92 2.28
C CYS A 15 -0.30 4.48 3.34
N CYS A 16 -1.62 4.56 3.06
CA CYS A 16 -2.59 5.00 4.06
C CYS A 16 -2.87 3.84 4.99
N ALA A 17 -3.59 4.08 6.11
CA ALA A 17 -3.86 3.00 7.05
C ALA A 17 -4.68 1.92 6.38
N HIS A 18 -4.75 0.71 7.00
CA HIS A 18 -5.52 -0.40 6.44
C HIS A 18 -4.91 -0.97 5.18
N LEU A 19 -3.68 -0.57 4.78
CA LEU A 19 -3.06 -1.11 3.57
C LEU A 19 -1.65 -1.56 3.91
N GLY A 20 -1.14 -2.59 3.21
CA GLY A 20 0.25 -3.03 3.43
C GLY A 20 0.83 -3.17 2.05
N CYS A 21 1.97 -2.53 1.72
CA CYS A 21 2.39 -2.52 0.33
C CYS A 21 2.87 -3.89 -0.08
N ARG A 22 2.56 -4.33 -1.32
CA ARG A 22 3.12 -5.60 -1.79
C ARG A 22 4.62 -5.46 -1.69
N THR A 23 5.37 -6.46 -1.16
CA THR A 23 6.83 -6.40 -1.17
C THR A 23 7.31 -7.23 -2.33
N LYS A 24 6.76 -6.95 -3.53
CA LYS A 24 7.09 -7.69 -4.73
C LYS A 24 6.51 -6.93 -5.90
N TRP A 25 6.96 -7.15 -7.15
CA TRP A 25 6.44 -6.35 -8.25
C TRP A 25 5.06 -6.84 -8.62
N PRO A 26 4.03 -5.99 -8.94
CA PRO A 26 4.14 -4.54 -8.81
C PRO A 26 4.04 -4.16 -7.35
N TYR A 27 4.62 -2.99 -6.94
CA TYR A 27 4.64 -2.62 -5.53
C TYR A 27 3.56 -1.60 -5.29
N TYR A 28 2.30 -1.98 -4.94
CA TYR A 28 1.26 -0.98 -4.70
C TYR A 28 0.68 -1.08 -3.31
N CYS A 29 0.11 0.02 -2.77
CA CYS A 29 -0.45 -0.02 -1.43
C CYS A 29 -1.60 -0.99 -1.53
N ALA A 30 -1.55 -2.15 -0.85
CA ALA A 30 -2.47 -3.24 -1.18
C ALA A 30 -3.33 -3.61 0.00
N TRP A 31 -4.40 -4.38 -0.27
CA TRP A 31 -5.39 -4.69 0.76
C TRP A 31 -4.74 -5.55 1.83
N ASP A 32 -4.47 -5.01 3.05
CA ASP A 32 -3.88 -5.84 4.10
C ASP A 32 -4.95 -6.79 4.59
N GLY A 33 -6.11 -6.23 5.00
CA GLY A 33 -7.21 -7.06 5.49
C GLY A 33 -8.50 -6.28 5.42
N THR A 34 -8.57 -5.13 6.15
CA THR A 34 -9.68 -4.20 6.00
C THR A 34 -9.29 -3.14 5.00
N VAL A 35 -10.25 -2.29 4.57
CA VAL A 35 -9.93 -1.19 3.65
C VAL A 35 -11.06 -0.18 3.70
N NH2 A 36 -10.79 1.15 3.60
HN1 NH2 A 36 -11.54 1.80 3.64
HN2 NH2 A 36 -9.86 1.49 3.49
N GLU A 1 -1.46 13.46 4.50
CA GLU A 1 -1.62 13.01 3.10
C GLU A 1 -1.02 11.63 2.93
N CYS A 2 -1.59 10.75 2.07
CA CYS A 2 -1.09 9.37 1.96
C CYS A 2 -1.54 8.73 0.68
N ARG A 3 -1.10 7.48 0.38
CA ARG A 3 -1.43 6.83 -0.89
C ARG A 3 -2.42 5.72 -0.69
N GLN A 4 -3.45 5.63 -1.57
CA GLN A 4 -4.59 4.75 -1.35
C GLN A 4 -4.42 3.42 -2.02
N MET A 5 -5.40 2.49 -1.87
CA MET A 5 -5.21 1.12 -2.37
C MET A 5 -4.83 1.14 -3.82
N PHE A 6 -3.99 0.16 -4.24
CA PHE A 6 -3.54 0.08 -5.62
C PHE A 6 -2.63 1.24 -6.01
N GLY A 7 -2.21 2.15 -5.13
CA GLY A 7 -1.33 3.24 -5.57
C GLY A 7 0.11 2.78 -5.51
N GLY A 8 0.93 3.08 -6.53
CA GLY A 8 2.31 2.58 -6.55
C GLY A 8 3.10 3.08 -5.36
N CYS A 9 3.61 2.18 -4.47
CA CYS A 9 4.39 2.59 -3.31
C CYS A 9 5.82 2.24 -3.61
N THR A 10 6.73 2.61 -2.69
CA THR A 10 7.98 1.86 -2.54
C THR A 10 7.94 1.02 -1.28
N LYS A 11 7.16 1.37 -0.22
CA LYS A 11 7.05 0.51 0.96
C LYS A 11 5.71 0.74 1.64
N ASP A 12 5.34 -0.05 2.67
CA ASP A 12 4.16 0.29 3.47
C ASP A 12 4.30 1.70 3.99
N SER A 13 5.52 2.10 4.39
CA SER A 13 5.73 3.46 4.87
C SER A 13 5.08 4.50 3.97
N GLU A 14 4.90 4.23 2.65
CA GLU A 14 4.30 5.21 1.75
C GLU A 14 2.89 4.81 1.41
N CYS A 15 2.08 4.38 2.40
CA CYS A 15 0.67 4.06 2.16
C CYS A 15 -0.27 4.60 3.22
N CYS A 16 -1.58 4.63 2.93
CA CYS A 16 -2.59 5.03 3.91
C CYS A 16 -2.83 3.90 4.87
N ALA A 17 -3.58 4.16 5.98
CA ALA A 17 -3.85 3.10 6.95
C ALA A 17 -4.67 2.01 6.31
N HIS A 18 -4.76 0.82 6.95
CA HIS A 18 -5.54 -0.30 6.41
C HIS A 18 -4.86 -0.97 5.23
N LEU A 19 -3.67 -0.54 4.77
CA LEU A 19 -3.04 -1.16 3.61
C LEU A 19 -1.68 -1.65 4.01
N GLY A 20 -1.09 -2.63 3.28
CA GLY A 20 0.28 -3.06 3.55
C GLY A 20 0.92 -3.29 2.21
N CYS A 21 1.97 -2.53 1.82
CA CYS A 21 2.39 -2.54 0.43
C CYS A 21 2.91 -3.89 0.03
N ARG A 22 2.61 -4.36 -1.21
CA ARG A 22 3.17 -5.63 -1.65
C ARG A 22 4.67 -5.53 -1.54
N THR A 23 5.37 -6.61 -1.11
CA THR A 23 6.83 -6.65 -1.16
C THR A 23 7.22 -7.42 -2.41
N LYS A 24 6.60 -7.06 -3.57
CA LYS A 24 6.85 -7.80 -4.80
C LYS A 24 6.25 -7.02 -5.95
N TRP A 25 6.88 -6.97 -7.14
CA TRP A 25 6.36 -6.10 -8.19
C TRP A 25 5.00 -6.59 -8.63
N PRO A 26 3.96 -5.77 -8.92
CA PRO A 26 4.02 -4.32 -8.73
C PRO A 26 3.93 -4.00 -7.25
N TYR A 27 4.67 -2.98 -6.77
CA TYR A 27 4.72 -2.69 -5.34
C TYR A 27 3.64 -1.67 -5.06
N TYR A 28 2.35 -2.07 -4.89
CA TYR A 28 1.29 -1.09 -4.66
C TYR A 28 0.76 -1.16 -3.26
N CYS A 29 0.17 -0.05 -2.73
CA CYS A 29 -0.39 -0.08 -1.38
C CYS A 29 -1.51 -1.06 -1.47
N ALA A 30 -1.51 -2.19 -0.70
CA ALA A 30 -2.38 -3.31 -1.03
C ALA A 30 -3.30 -3.66 0.10
N TRP A 31 -4.37 -4.42 -0.19
CA TRP A 31 -5.42 -4.71 0.80
C TRP A 31 -4.81 -5.52 1.93
N ASP A 32 -4.63 -4.96 3.14
CA ASP A 32 -4.09 -5.76 4.25
C ASP A 32 -5.18 -6.72 4.69
N GLY A 33 -6.36 -6.18 5.06
CA GLY A 33 -7.47 -7.02 5.50
C GLY A 33 -8.76 -6.24 5.40
N THR A 34 -8.87 -5.12 6.17
CA THR A 34 -9.94 -4.16 5.95
C THR A 34 -9.44 -3.15 4.95
N VAL A 35 -10.32 -2.24 4.47
CA VAL A 35 -9.89 -1.23 3.49
C VAL A 35 -10.78 -0.02 3.64
N NH2 A 36 -10.25 1.22 3.55
HN1 NH2 A 36 -10.83 2.02 3.68
HN2 NH2 A 36 -9.28 1.36 3.35
N GLU A 1 -0.80 13.32 4.50
CA GLU A 1 -1.22 12.67 3.24
C GLU A 1 -0.75 11.24 3.20
N CYS A 2 -1.36 10.39 2.34
CA CYS A 2 -0.96 8.99 2.25
C CYS A 2 -1.43 8.40 0.94
N ARG A 3 -1.15 7.12 0.66
CA ARG A 3 -1.48 6.53 -0.64
C ARG A 3 -2.46 5.40 -0.45
N GLN A 4 -3.52 5.36 -1.30
CA GLN A 4 -4.67 4.50 -1.08
C GLN A 4 -4.51 3.18 -1.79
N MET A 5 -5.49 2.26 -1.66
CA MET A 5 -5.29 0.92 -2.21
C MET A 5 -4.96 0.98 -3.68
N PHE A 6 -4.11 0.05 -4.16
CA PHE A 6 -3.69 0.06 -5.55
C PHE A 6 -2.87 1.27 -5.94
N GLY A 7 -2.35 2.09 -5.00
CA GLY A 7 -1.49 3.19 -5.39
C GLY A 7 -0.07 2.69 -5.39
N GLY A 8 0.75 3.03 -6.40
CA GLY A 8 2.10 2.50 -6.45
C GLY A 8 2.92 3.01 -5.29
N CYS A 9 3.38 2.12 -4.38
CA CYS A 9 4.18 2.54 -3.24
C CYS A 9 5.62 2.27 -3.59
N THR A 10 6.53 2.73 -2.72
CA THR A 10 7.82 2.06 -2.60
C THR A 10 7.75 1.13 -1.40
N LYS A 11 7.04 1.47 -0.30
CA LYS A 11 6.99 0.60 0.88
C LYS A 11 5.68 0.79 1.62
N ASP A 12 5.40 0.01 2.69
CA ASP A 12 4.21 0.29 3.49
C ASP A 12 4.29 1.70 4.01
N SER A 13 5.47 2.16 4.44
CA SER A 13 5.57 3.53 4.93
C SER A 13 4.92 4.51 3.98
N GLU A 14 4.85 4.21 2.66
CA GLU A 14 4.21 5.12 1.73
C GLU A 14 2.80 4.65 1.45
N CYS A 15 2.01 4.24 2.48
CA CYS A 15 0.62 3.87 2.30
C CYS A 15 -0.29 4.37 3.39
N CYS A 16 -1.63 4.33 3.14
CA CYS A 16 -2.63 4.76 4.12
C CYS A 16 -3.00 3.62 5.04
N ALA A 17 -3.73 3.91 6.15
CA ALA A 17 -4.14 2.83 7.05
C ALA A 17 -4.85 1.77 6.27
N HIS A 18 -5.01 0.55 6.84
CA HIS A 18 -5.73 -0.51 6.16
C HIS A 18 -4.91 -1.24 5.14
N LEU A 19 -3.67 -0.82 4.80
CA LEU A 19 -2.97 -1.42 3.68
C LEU A 19 -1.56 -1.82 4.06
N GLY A 20 -0.99 -2.87 3.42
CA GLY A 20 0.41 -3.22 3.62
C GLY A 20 0.99 -3.37 2.24
N CYS A 21 2.06 -2.63 1.86
CA CYS A 21 2.45 -2.62 0.46
C CYS A 21 3.00 -3.96 0.05
N ARG A 22 2.74 -4.41 -1.20
CA ARG A 22 3.38 -5.64 -1.64
C ARG A 22 4.87 -5.43 -1.57
N THR A 23 5.69 -6.43 -1.17
CA THR A 23 7.15 -6.31 -1.23
C THR A 23 7.64 -6.94 -2.51
N LYS A 24 6.99 -6.62 -3.65
CA LYS A 24 7.40 -7.20 -4.93
C LYS A 24 6.66 -6.51 -6.05
N TRP A 25 7.16 -6.56 -7.30
CA TRP A 25 6.49 -5.80 -8.36
C TRP A 25 5.20 -6.50 -8.71
N PRO A 26 4.03 -5.84 -8.92
CA PRO A 26 3.89 -4.40 -8.73
C PRO A 26 3.85 -4.06 -7.25
N TYR A 27 4.57 -3.01 -6.81
CA TYR A 27 4.64 -2.68 -5.39
C TYR A 27 3.49 -1.73 -5.08
N TYR A 28 2.25 -2.21 -4.83
CA TYR A 28 1.14 -1.28 -4.58
C TYR A 28 0.63 -1.35 -3.16
N CYS A 29 0.08 -0.24 -2.63
CA CYS A 29 -0.44 -0.24 -1.26
C CYS A 29 -1.56 -1.25 -1.29
N ALA A 30 -1.47 -2.40 -0.61
CA ALA A 30 -2.35 -3.53 -0.93
C ALA A 30 -3.22 -3.90 0.25
N TRP A 31 -4.33 -4.63 -0.01
CA TRP A 31 -5.38 -4.80 0.99
C TRP A 31 -4.88 -5.54 2.21
N ASP A 32 -4.92 -4.94 3.43
CA ASP A 32 -4.59 -5.71 4.63
C ASP A 32 -5.85 -6.36 5.16
N GLY A 33 -6.90 -5.59 5.48
CA GLY A 33 -8.13 -6.19 6.00
C GLY A 33 -9.31 -5.33 5.64
N THR A 34 -9.42 -4.14 6.27
CA THR A 34 -10.45 -3.17 5.88
C THR A 34 -9.91 -2.40 4.70
N VAL A 35 -10.64 -1.36 4.24
CA VAL A 35 -10.13 -0.50 3.16
C VAL A 35 -11.02 0.72 3.06
N NH2 A 36 -10.53 1.89 2.61
HN1 NH2 A 36 -11.13 2.69 2.57
HN2 NH2 A 36 -9.58 1.99 2.33
N GLU A 1 -1.33 13.72 3.81
CA GLU A 1 -1.68 12.84 2.67
C GLU A 1 -1.00 11.49 2.77
N CYS A 2 -1.49 10.50 1.99
CA CYS A 2 -0.91 9.16 2.02
C CYS A 2 -1.30 8.44 0.76
N ARG A 3 -0.76 7.23 0.47
CA ARG A 3 -1.09 6.54 -0.78
C ARG A 3 -2.07 5.43 -0.50
N GLN A 4 -3.08 5.25 -1.38
CA GLN A 4 -4.24 4.42 -1.03
C GLN A 4 -4.26 3.17 -1.87
N MET A 5 -5.29 2.31 -1.68
CA MET A 5 -5.25 0.95 -2.21
C MET A 5 -4.88 0.93 -3.68
N PHE A 6 -4.07 -0.07 -4.10
CA PHE A 6 -3.60 -0.11 -5.48
C PHE A 6 -2.80 1.10 -5.90
N GLY A 7 -2.23 1.90 -4.98
CA GLY A 7 -1.40 3.02 -5.41
C GLY A 7 0.04 2.58 -5.38
N GLY A 8 0.84 2.81 -6.45
CA GLY A 8 2.24 2.37 -6.45
C GLY A 8 3.04 2.98 -5.32
N CYS A 9 3.52 2.17 -4.34
CA CYS A 9 4.30 2.67 -3.22
C CYS A 9 5.74 2.41 -3.51
N THR A 10 6.63 2.92 -2.64
CA THR A 10 7.91 2.26 -2.45
C THR A 10 7.76 1.32 -1.27
N LYS A 11 7.02 1.66 -0.20
CA LYS A 11 6.90 0.76 0.95
C LYS A 11 5.59 0.94 1.70
N ASP A 12 5.30 0.05 2.67
CA ASP A 12 4.12 0.24 3.52
C ASP A 12 4.19 1.56 4.23
N SER A 13 5.38 1.96 4.73
CA SER A 13 5.47 3.22 5.45
C SER A 13 4.94 4.37 4.61
N GLU A 14 4.89 4.25 3.26
CA GLU A 14 4.39 5.35 2.43
C GLU A 14 2.92 5.17 2.09
N CYS A 15 2.17 4.25 2.74
CA CYS A 15 0.77 3.98 2.37
C CYS A 15 -0.20 4.53 3.39
N CYS A 16 -1.52 4.46 3.08
CA CYS A 16 -2.56 4.90 4.01
C CYS A 16 -2.92 3.79 4.96
N ALA A 17 -3.72 4.08 6.02
CA ALA A 17 -4.05 3.05 6.98
C ALA A 17 -4.71 1.88 6.29
N HIS A 18 -4.78 0.71 6.96
CA HIS A 18 -5.48 -0.45 6.40
C HIS A 18 -4.77 -1.17 5.29
N LEU A 19 -3.59 -0.71 4.82
CA LEU A 19 -2.94 -1.35 3.68
C LEU A 19 -1.54 -1.75 4.05
N GLY A 20 -0.99 -2.80 3.40
CA GLY A 20 0.42 -3.16 3.58
C GLY A 20 0.98 -3.31 2.19
N CYS A 21 2.06 -2.60 1.81
CA CYS A 21 2.45 -2.55 0.42
C CYS A 21 3.05 -3.85 -0.02
N ARG A 22 2.77 -4.30 -1.27
CA ARG A 22 3.40 -5.52 -1.75
C ARG A 22 4.88 -5.28 -1.70
N THR A 23 5.70 -6.25 -1.21
CA THR A 23 7.16 -6.10 -1.22
C THR A 23 7.66 -6.84 -2.43
N LYS A 24 7.10 -6.51 -3.61
CA LYS A 24 7.44 -7.20 -4.84
C LYS A 24 6.77 -6.49 -6.00
N TRP A 25 7.08 -6.79 -7.27
CA TRP A 25 6.44 -6.05 -8.35
C TRP A 25 5.06 -6.61 -8.61
N PRO A 26 3.98 -5.82 -8.84
CA PRO A 26 3.99 -4.37 -8.68
C PRO A 26 4.02 -4.06 -7.20
N TYR A 27 4.59 -2.91 -6.80
CA TYR A 27 4.69 -2.57 -5.38
C TYR A 27 3.57 -1.62 -5.07
N TYR A 28 2.32 -2.08 -4.87
CA TYR A 28 1.21 -1.15 -4.62
C TYR A 28 0.71 -1.23 -3.20
N CYS A 29 0.13 -0.13 -2.66
CA CYS A 29 -0.39 -0.16 -1.29
C CYS A 29 -1.50 -1.16 -1.35
N ALA A 30 -1.44 -2.30 -0.63
CA ALA A 30 -2.30 -3.43 -0.99
C ALA A 30 -3.23 -3.79 0.12
N TRP A 31 -4.32 -4.54 -0.21
CA TRP A 31 -5.42 -4.70 0.72
C TRP A 31 -5.06 -5.67 1.82
N ASP A 32 -4.84 -5.21 3.07
CA ASP A 32 -4.54 -6.14 4.15
C ASP A 32 -5.81 -6.88 4.53
N GLY A 33 -6.93 -6.15 4.75
CA GLY A 33 -8.18 -6.82 5.12
C GLY A 33 -9.33 -5.85 5.03
N THR A 34 -9.38 -4.83 5.90
CA THR A 34 -10.36 -3.76 5.77
C THR A 34 -9.76 -2.71 4.88
N VAL A 35 -10.55 -1.68 4.53
CA VAL A 35 -10.01 -0.55 3.76
C VAL A 35 -11.03 0.56 3.78
N NH2 A 36 -10.61 1.84 3.85
HN1 NH2 A 36 -11.28 2.58 3.87
HN2 NH2 A 36 -9.64 2.08 3.89
N GLU A 1 -1.21 13.29 4.94
CA GLU A 1 -1.84 12.65 3.77
C GLU A 1 -1.06 11.41 3.38
N CYS A 2 -1.61 10.51 2.54
CA CYS A 2 -0.95 9.23 2.28
C CYS A 2 -1.44 8.63 0.97
N ARG A 3 -1.10 7.36 0.64
CA ARG A 3 -1.46 6.78 -0.65
C ARG A 3 -2.47 5.68 -0.47
N GLN A 4 -3.48 5.58 -1.37
CA GLN A 4 -4.64 4.72 -1.14
C GLN A 4 -4.46 3.38 -1.82
N MET A 5 -5.45 2.46 -1.70
CA MET A 5 -5.28 1.11 -2.22
C MET A 5 -4.88 1.15 -3.67
N PHE A 6 -4.01 0.21 -4.11
CA PHE A 6 -3.57 0.16 -5.51
C PHE A 6 -2.67 1.29 -5.92
N GLY A 7 -2.23 2.22 -5.04
CA GLY A 7 -1.34 3.29 -5.50
C GLY A 7 0.08 2.79 -5.44
N GLY A 8 0.94 3.10 -6.43
CA GLY A 8 2.30 2.58 -6.44
C GLY A 8 3.11 3.05 -5.25
N CYS A 9 3.76 2.14 -4.49
CA CYS A 9 4.54 2.54 -3.32
C CYS A 9 5.98 2.19 -3.61
N THR A 10 6.90 2.64 -2.73
CA THR A 10 8.17 1.94 -2.58
C THR A 10 8.07 0.99 -1.39
N LYS A 11 7.32 1.32 -0.31
CA LYS A 11 7.25 0.46 0.87
C LYS A 11 5.96 0.74 1.61
N ASP A 12 5.61 -0.04 2.67
CA ASP A 12 4.44 0.31 3.47
C ASP A 12 4.52 1.74 3.94
N SER A 13 5.73 2.21 4.31
CA SER A 13 5.84 3.58 4.79
C SER A 13 5.19 4.56 3.86
N GLU A 14 5.10 4.28 2.53
CA GLU A 14 4.42 5.18 1.60
C GLU A 14 2.98 4.77 1.39
N CYS A 15 2.23 4.32 2.42
CA CYS A 15 0.83 3.95 2.26
C CYS A 15 -0.08 4.46 3.36
N CYS A 16 -1.40 4.51 3.10
CA CYS A 16 -2.38 4.88 4.11
C CYS A 16 -2.64 3.70 5.01
N ALA A 17 -3.32 3.93 6.16
CA ALA A 17 -3.63 2.83 7.06
C ALA A 17 -4.58 1.88 6.36
N HIS A 18 -4.76 0.66 6.89
CA HIS A 18 -5.58 -0.36 6.25
C HIS A 18 -4.83 -1.06 5.14
N LEU A 19 -3.57 -0.67 4.81
CA LEU A 19 -2.87 -1.28 3.69
C LEU A 19 -1.50 -1.78 4.13
N GLY A 20 -0.91 -2.74 3.39
CA GLY A 20 0.47 -3.16 3.63
C GLY A 20 1.11 -3.33 2.27
N CYS A 21 2.20 -2.61 1.93
CA CYS A 21 2.61 -2.58 0.53
C CYS A 21 3.21 -3.91 0.13
N ARG A 22 2.98 -4.33 -1.13
CA ARG A 22 3.61 -5.56 -1.60
C ARG A 22 5.10 -5.33 -1.56
N THR A 23 5.91 -6.34 -1.15
CA THR A 23 7.36 -6.23 -1.20
C THR A 23 7.83 -6.99 -2.42
N LYS A 24 7.21 -6.73 -3.59
CA LYS A 24 7.52 -7.47 -4.81
C LYS A 24 6.85 -6.75 -5.96
N TRP A 25 7.17 -7.10 -7.23
CA TRP A 25 6.57 -6.36 -8.35
C TRP A 25 5.16 -6.87 -8.61
N PRO A 26 4.11 -6.04 -8.88
CA PRO A 26 4.20 -4.60 -8.77
C PRO A 26 4.18 -4.20 -7.31
N TYR A 27 4.67 -3.00 -6.98
CA TYR A 27 4.74 -2.58 -5.58
C TYR A 27 3.61 -1.60 -5.36
N TYR A 28 2.45 -2.02 -4.78
CA TYR A 28 1.37 -1.06 -4.55
C TYR A 28 0.80 -1.21 -3.16
N CYS A 29 0.17 -0.13 -2.62
CA CYS A 29 -0.34 -0.17 -1.26
C CYS A 29 -1.48 -1.16 -1.31
N ALA A 30 -1.40 -2.35 -0.66
CA ALA A 30 -2.32 -3.44 -0.98
C ALA A 30 -3.21 -3.79 0.19
N TRP A 31 -4.33 -4.50 -0.09
CA TRP A 31 -5.40 -4.70 0.89
C TRP A 31 -4.94 -5.48 2.10
N ASP A 32 -4.90 -4.89 3.32
CA ASP A 32 -4.58 -5.68 4.51
C ASP A 32 -5.82 -6.45 4.90
N GLY A 33 -6.94 -5.76 5.19
CA GLY A 33 -8.17 -6.46 5.58
C GLY A 33 -9.37 -5.57 5.38
N THR A 34 -9.45 -4.43 6.11
CA THR A 34 -10.50 -3.43 5.85
C THR A 34 -9.98 -2.53 4.76
N VAL A 35 -10.82 -1.58 4.26
CA VAL A 35 -10.37 -0.64 3.23
C VAL A 35 -11.27 0.57 3.22
N NH2 A 36 -10.77 1.78 2.91
HN1 NH2 A 36 -11.36 2.59 2.90
HN2 NH2 A 36 -9.80 1.91 2.67
N GLU A 1 -1.79 13.67 2.60
CA GLU A 1 -1.70 12.94 1.31
C GLU A 1 -1.09 11.57 1.55
N CYS A 2 -1.76 10.65 2.28
CA CYS A 2 -1.25 9.28 2.36
C CYS A 2 -1.68 8.58 1.10
N ARG A 3 -1.13 7.38 0.81
CA ARG A 3 -1.38 6.75 -0.48
C ARG A 3 -2.40 5.64 -0.35
N GLN A 4 -3.42 5.62 -1.25
CA GLN A 4 -4.60 4.78 -1.05
C GLN A 4 -4.42 3.46 -1.77
N MET A 5 -5.42 2.56 -1.69
CA MET A 5 -5.23 1.22 -2.25
C MET A 5 -4.83 1.32 -3.70
N PHE A 6 -3.96 0.40 -4.17
CA PHE A 6 -3.52 0.41 -5.56
C PHE A 6 -2.67 1.62 -5.93
N GLY A 7 -2.06 2.35 -4.98
CA GLY A 7 -1.17 3.46 -5.35
C GLY A 7 0.27 2.99 -5.27
N GLY A 8 1.11 3.26 -6.29
CA GLY A 8 2.49 2.77 -6.28
C GLY A 8 3.28 3.24 -5.07
N CYS A 9 3.87 2.31 -4.28
CA CYS A 9 4.64 2.69 -3.08
C CYS A 9 6.09 2.38 -3.34
N THR A 10 6.97 2.77 -2.38
CA THR A 10 8.20 2.01 -2.17
C THR A 10 8.03 1.08 -0.99
N LYS A 11 7.25 1.43 0.08
CA LYS A 11 7.07 0.53 1.22
C LYS A 11 5.75 0.80 1.90
N ASP A 12 5.34 -0.04 2.88
CA ASP A 12 4.15 0.28 3.67
C ASP A 12 4.24 1.68 4.23
N SER A 13 5.43 2.11 4.68
CA SER A 13 5.55 3.45 5.24
C SER A 13 4.98 4.49 4.30
N GLU A 14 4.95 4.26 2.96
CA GLU A 14 4.32 5.20 2.04
C GLU A 14 2.91 4.77 1.71
N CYS A 15 2.12 4.26 2.69
CA CYS A 15 0.71 3.92 2.46
C CYS A 15 -0.20 4.42 3.55
N CYS A 16 -1.52 4.47 3.27
CA CYS A 16 -2.50 4.85 4.30
C CYS A 16 -2.70 3.66 5.21
N ALA A 17 -3.42 3.87 6.35
CA ALA A 17 -3.68 2.75 7.25
C ALA A 17 -4.50 1.69 6.55
N HIS A 18 -4.58 0.47 7.11
CA HIS A 18 -5.35 -0.61 6.51
C HIS A 18 -4.74 -1.15 5.23
N LEU A 19 -3.53 -0.71 4.82
CA LEU A 19 -2.91 -1.22 3.61
C LEU A 19 -1.52 -1.67 3.94
N GLY A 20 -0.98 -2.69 3.24
CA GLY A 20 0.41 -3.10 3.45
C GLY A 20 1.02 -3.24 2.09
N CYS A 21 2.12 -2.54 1.76
CA CYS A 21 2.56 -2.52 0.37
C CYS A 21 3.08 -3.87 -0.05
N ARG A 22 2.80 -4.30 -1.30
CA ARG A 22 3.34 -5.56 -1.78
C ARG A 22 4.85 -5.46 -1.72
N THR A 23 5.58 -6.51 -1.26
CA THR A 23 7.05 -6.48 -1.29
C THR A 23 7.49 -7.26 -2.51
N LYS A 24 6.92 -6.92 -3.69
CA LYS A 24 7.22 -7.65 -4.93
C LYS A 24 6.61 -6.87 -6.07
N TRP A 25 6.92 -7.18 -7.35
CA TRP A 25 6.38 -6.38 -8.43
C TRP A 25 4.94 -6.77 -8.72
N PRO A 26 3.95 -5.87 -8.95
CA PRO A 26 4.13 -4.43 -8.79
C PRO A 26 4.12 -4.09 -7.31
N TYR A 27 4.68 -2.93 -6.91
CA TYR A 27 4.77 -2.57 -5.49
C TYR A 27 3.72 -1.53 -5.21
N TYR A 28 2.47 -1.91 -4.83
CA TYR A 28 1.43 -0.90 -4.55
C TYR A 28 0.85 -1.05 -3.17
N CYS A 29 0.27 0.05 -2.62
CA CYS A 29 -0.31 -0.01 -1.28
C CYS A 29 -1.47 -0.97 -1.39
N ALA A 30 -1.41 -2.17 -0.77
CA ALA A 30 -2.32 -3.24 -1.14
C ALA A 30 -3.21 -3.63 0.02
N TRP A 31 -4.30 -4.36 -0.28
CA TRP A 31 -5.34 -4.64 0.72
C TRP A 31 -4.76 -5.46 1.86
N ASP A 32 -4.63 -4.91 3.09
CA ASP A 32 -4.11 -5.73 4.20
C ASP A 32 -5.21 -6.69 4.60
N GLY A 33 -6.39 -6.16 4.98
CA GLY A 33 -7.51 -7.00 5.38
C GLY A 33 -8.79 -6.20 5.24
N THR A 34 -8.94 -5.12 6.05
CA THR A 34 -10.01 -4.16 5.85
C THR A 34 -9.51 -3.10 4.90
N VAL A 35 -10.37 -2.12 4.54
CA VAL A 35 -9.94 -1.01 3.70
C VAL A 35 -10.94 0.12 3.81
N NH2 A 36 -10.53 1.40 3.74
HN1 NH2 A 36 -11.20 2.15 3.82
HN2 NH2 A 36 -9.56 1.64 3.63
N GLU A 1 -1.16 13.74 4.08
CA GLU A 1 -1.65 12.84 3.02
C GLU A 1 -0.97 11.49 3.10
N CYS A 2 -1.44 10.51 2.30
CA CYS A 2 -0.82 9.19 2.28
C CYS A 2 -1.15 8.53 0.96
N ARG A 3 -0.77 7.26 0.68
CA ARG A 3 -1.12 6.63 -0.60
C ARG A 3 -2.14 5.53 -0.39
N GLN A 4 -3.16 5.42 -1.27
CA GLN A 4 -4.35 4.63 -0.99
C GLN A 4 -4.37 3.35 -1.78
N MET A 5 -5.40 2.49 -1.58
CA MET A 5 -5.38 1.14 -2.11
C MET A 5 -4.99 1.08 -3.57
N PHE A 6 -4.20 0.07 -3.97
CA PHE A 6 -3.72 -0.04 -5.34
C PHE A 6 -2.88 1.15 -5.75
N GLY A 7 -2.29 1.95 -4.83
CA GLY A 7 -1.46 3.08 -5.25
C GLY A 7 0.00 2.67 -5.24
N GLY A 8 0.76 2.95 -6.32
CA GLY A 8 2.17 2.53 -6.37
C GLY A 8 3.00 3.09 -5.25
N CYS A 9 3.60 2.22 -4.38
CA CYS A 9 4.43 2.67 -3.27
C CYS A 9 5.86 2.35 -3.59
N THR A 10 6.79 2.82 -2.75
CA THR A 10 8.06 2.11 -2.61
C THR A 10 7.98 1.20 -1.40
N LYS A 11 7.27 1.57 -0.29
CA LYS A 11 7.25 0.74 0.90
C LYS A 11 5.94 0.89 1.64
N ASP A 12 5.66 0.01 2.62
CA ASP A 12 4.46 0.19 3.44
C ASP A 12 4.49 1.55 4.09
N SER A 13 5.67 2.00 4.56
CA SER A 13 5.73 3.29 5.22
C SER A 13 5.09 4.38 4.38
N GLU A 14 5.07 4.27 3.03
CA GLU A 14 4.51 5.33 2.21
C GLU A 14 3.02 5.12 1.95
N CYS A 15 2.30 4.24 2.68
CA CYS A 15 0.89 3.98 2.41
C CYS A 15 -0.07 4.50 3.47
N CYS A 16 -1.39 4.47 3.16
CA CYS A 16 -2.42 4.92 4.10
C CYS A 16 -2.78 3.81 5.07
N ALA A 17 -3.62 4.13 6.08
CA ALA A 17 -4.07 3.10 7.01
C ALA A 17 -4.66 1.94 6.26
N HIS A 18 -4.85 0.78 6.94
CA HIS A 18 -5.54 -0.34 6.30
C HIS A 18 -4.79 -0.99 5.16
N LEU A 19 -3.53 -0.63 4.81
CA LEU A 19 -2.88 -1.24 3.66
C LEU A 19 -1.48 -1.66 4.01
N GLY A 20 -0.94 -2.70 3.33
CA GLY A 20 0.45 -3.12 3.53
C GLY A 20 1.02 -3.23 2.14
N CYS A 21 2.18 -2.63 1.82
CA CYS A 21 2.57 -2.54 0.42
C CYS A 21 3.13 -3.84 -0.04
N ARG A 22 2.67 -4.40 -1.19
CA ARG A 22 3.25 -5.63 -1.71
C ARG A 22 4.75 -5.49 -1.64
N THR A 23 5.51 -6.45 -1.06
CA THR A 23 6.96 -6.38 -1.09
C THR A 23 7.42 -7.18 -2.30
N LYS A 24 6.88 -6.81 -3.48
CA LYS A 24 7.14 -7.58 -4.69
C LYS A 24 6.54 -6.82 -5.85
N TRP A 25 7.09 -6.90 -7.08
CA TRP A 25 6.53 -6.09 -8.15
C TRP A 25 5.17 -6.62 -8.52
N PRO A 26 4.10 -5.82 -8.78
CA PRO A 26 4.11 -4.38 -8.59
C PRO A 26 4.05 -4.04 -7.12
N TYR A 27 4.65 -2.90 -6.69
CA TYR A 27 4.71 -2.58 -5.27
C TYR A 27 3.61 -1.59 -4.97
N TYR A 28 2.34 -2.02 -4.80
CA TYR A 28 1.26 -1.06 -4.53
C TYR A 28 0.75 -1.17 -3.12
N CYS A 29 0.16 -0.07 -2.57
CA CYS A 29 -0.36 -0.09 -1.22
C CYS A 29 -1.50 -1.07 -1.27
N ALA A 30 -1.41 -2.25 -0.63
CA ALA A 30 -2.29 -3.36 -0.98
C ALA A 30 -3.27 -3.68 0.11
N TRP A 31 -4.40 -4.32 -0.27
CA TRP A 31 -5.51 -4.51 0.65
C TRP A 31 -5.13 -5.51 1.72
N ASP A 32 -4.97 -5.10 2.99
CA ASP A 32 -4.58 -6.07 4.02
C ASP A 32 -5.75 -6.90 4.47
N GLY A 33 -6.90 -6.27 4.80
CA GLY A 33 -8.06 -7.03 5.26
C GLY A 33 -9.29 -6.16 5.12
N THR A 34 -9.52 -5.24 6.08
CA THR A 34 -10.54 -4.22 5.89
C THR A 34 -9.98 -3.18 4.96
N VAL A 35 -10.82 -2.21 4.54
CA VAL A 35 -10.31 -1.04 3.81
C VAL A 35 -11.38 0.00 3.67
N NH2 A 36 -11.06 1.30 3.75
HN1 NH2 A 36 -11.78 2.00 3.66
HN2 NH2 A 36 -10.12 1.61 3.90
N GLU A 1 -0.52 13.90 4.01
CA GLU A 1 -1.10 13.11 2.89
C GLU A 1 -0.56 11.70 2.92
N CYS A 2 -1.24 10.74 2.25
CA CYS A 2 -0.73 9.37 2.20
C CYS A 2 -1.15 8.74 0.88
N ARG A 3 -0.95 7.42 0.65
CA ARG A 3 -1.28 6.82 -0.64
C ARG A 3 -2.29 5.71 -0.47
N GLN A 4 -3.31 5.64 -1.36
CA GLN A 4 -4.49 4.80 -1.11
C GLN A 4 -4.37 3.47 -1.82
N MET A 5 -5.38 2.58 -1.68
CA MET A 5 -5.24 1.22 -2.18
C MET A 5 -4.85 1.22 -3.65
N PHE A 6 -3.98 0.27 -4.08
CA PHE A 6 -3.55 0.21 -5.47
C PHE A 6 -2.64 1.34 -5.89
N GLY A 7 -2.16 2.24 -4.99
CA GLY A 7 -1.26 3.30 -5.44
C GLY A 7 0.17 2.84 -5.35
N GLY A 8 1.04 3.18 -6.33
CA GLY A 8 2.41 2.67 -6.32
C GLY A 8 3.22 3.15 -5.14
N CYS A 9 3.76 2.22 -4.30
CA CYS A 9 4.57 2.60 -3.15
C CYS A 9 6.00 2.25 -3.44
N THR A 10 6.92 2.65 -2.54
CA THR A 10 8.18 1.93 -2.39
C THR A 10 8.13 1.06 -1.14
N LYS A 11 7.39 1.42 -0.06
CA LYS A 11 7.38 0.63 1.17
C LYS A 11 6.04 0.77 1.86
N ASP A 12 5.74 0.01 2.92
CA ASP A 12 4.48 0.22 3.64
C ASP A 12 4.41 1.64 4.15
N SER A 13 5.52 2.16 4.71
CA SER A 13 5.49 3.52 5.24
C SER A 13 4.95 4.52 4.23
N GLU A 14 4.99 4.24 2.91
CA GLU A 14 4.41 5.16 1.93
C GLU A 14 2.98 4.78 1.61
N CYS A 15 2.16 4.33 2.59
CA CYS A 15 0.76 4.04 2.34
C CYS A 15 -0.17 4.60 3.41
N CYS A 16 -1.49 4.63 3.11
CA CYS A 16 -2.49 5.06 4.10
C CYS A 16 -2.83 3.89 4.98
N ALA A 17 -3.59 4.12 6.08
CA ALA A 17 -3.91 3.02 7.00
C ALA A 17 -4.69 1.93 6.30
N HIS A 18 -4.86 0.76 6.96
CA HIS A 18 -5.61 -0.36 6.36
C HIS A 18 -4.86 -1.00 5.21
N LEU A 19 -3.60 -0.60 4.87
CA LEU A 19 -2.90 -1.18 3.74
C LEU A 19 -1.54 -1.69 4.16
N GLY A 20 -0.96 -2.65 3.41
CA GLY A 20 0.43 -3.06 3.64
C GLY A 20 1.05 -3.25 2.28
N CYS A 21 2.18 -2.60 1.93
CA CYS A 21 2.57 -2.56 0.53
C CYS A 21 3.11 -3.90 0.10
N ARG A 22 2.81 -4.33 -1.16
CA ARG A 22 3.38 -5.57 -1.65
C ARG A 22 4.89 -5.42 -1.63
N THR A 23 5.67 -6.45 -1.23
CA THR A 23 7.13 -6.40 -1.35
C THR A 23 7.49 -7.23 -2.56
N LYS A 24 6.84 -6.95 -3.71
CA LYS A 24 7.08 -7.69 -4.94
C LYS A 24 6.42 -6.92 -6.06
N TRP A 25 6.80 -7.12 -7.34
CA TRP A 25 6.25 -6.28 -8.39
C TRP A 25 4.83 -6.69 -8.70
N PRO A 26 3.82 -5.80 -8.92
CA PRO A 26 3.98 -4.36 -8.75
C PRO A 26 3.98 -4.04 -7.27
N TYR A 27 4.63 -2.93 -6.86
CA TYR A 27 4.72 -2.60 -5.43
C TYR A 27 3.65 -1.59 -5.13
N TYR A 28 2.40 -2.00 -4.81
CA TYR A 28 1.35 -1.02 -4.54
C TYR A 28 0.82 -1.13 -3.14
N CYS A 29 0.22 -0.04 -2.59
CA CYS A 29 -0.31 -0.08 -1.24
C CYS A 29 -1.46 -1.06 -1.32
N ALA A 30 -1.41 -2.22 -0.62
CA ALA A 30 -2.32 -3.31 -0.96
C ALA A 30 -3.23 -3.69 0.19
N TRP A 31 -4.31 -4.41 -0.14
CA TRP A 31 -5.38 -4.69 0.83
C TRP A 31 -4.84 -5.51 1.98
N ASP A 32 -4.69 -4.93 3.19
CA ASP A 32 -4.24 -5.75 4.33
C ASP A 32 -5.37 -6.67 4.70
N GLY A 33 -6.58 -6.10 4.97
CA GLY A 33 -7.72 -6.93 5.34
C GLY A 33 -9.01 -6.15 5.20
N THR A 34 -9.14 -5.01 5.93
CA THR A 34 -10.28 -4.12 5.75
C THR A 34 -9.91 -3.06 4.74
N VAL A 35 -10.90 -2.27 4.25
CA VAL A 35 -10.63 -1.22 3.27
C VAL A 35 -11.76 -0.22 3.30
N NH2 A 36 -11.53 1.08 3.01
HN1 NH2 A 36 -12.29 1.73 3.04
HN2 NH2 A 36 -10.62 1.41 2.78
N GLU A 1 0.37 13.98 2.43
CA GLU A 1 -0.77 13.08 2.66
C GLU A 1 -0.46 11.69 2.13
N CYS A 2 -1.19 10.64 2.58
CA CYS A 2 -0.79 9.25 2.32
C CYS A 2 -1.38 8.70 1.02
N ARG A 3 -1.06 7.43 0.66
CA ARG A 3 -1.44 6.85 -0.63
C ARG A 3 -2.44 5.73 -0.44
N GLN A 4 -3.43 5.60 -1.37
CA GLN A 4 -4.57 4.71 -1.16
C GLN A 4 -4.37 3.36 -1.81
N MET A 5 -5.35 2.43 -1.70
CA MET A 5 -5.15 1.09 -2.21
C MET A 5 -4.78 1.10 -3.67
N PHE A 6 -3.93 0.14 -4.11
CA PHE A 6 -3.48 0.08 -5.48
C PHE A 6 -2.59 1.24 -5.89
N GLY A 7 -2.14 2.14 -4.99
CA GLY A 7 -1.25 3.22 -5.41
C GLY A 7 0.18 2.75 -5.32
N GLY A 8 1.06 3.08 -6.30
CA GLY A 8 2.43 2.58 -6.27
C GLY A 8 3.20 3.06 -5.07
N CYS A 9 3.73 2.14 -4.22
CA CYS A 9 4.52 2.52 -3.06
C CYS A 9 5.96 2.19 -3.36
N THR A 10 6.87 2.63 -2.47
CA THR A 10 8.13 1.93 -2.30
C THR A 10 8.05 1.02 -1.08
N LYS A 11 7.29 1.38 -0.01
CA LYS A 11 7.22 0.57 1.19
C LYS A 11 5.89 0.78 1.87
N ASP A 12 5.54 -0.01 2.92
CA ASP A 12 4.32 0.27 3.66
C ASP A 12 4.33 1.70 4.16
N SER A 13 5.49 2.21 4.61
CA SER A 13 5.52 3.58 5.11
C SER A 13 4.94 4.56 4.12
N GLU A 14 4.97 4.28 2.79
CA GLU A 14 4.37 5.20 1.82
C GLU A 14 2.94 4.80 1.53
N CYS A 15 2.15 4.33 2.52
CA CYS A 15 0.75 3.99 2.30
C CYS A 15 -0.14 4.55 3.39
N CYS A 16 -1.47 4.57 3.14
CA CYS A 16 -2.42 4.96 4.18
C CYS A 16 -2.70 3.76 5.06
N ALA A 17 -3.31 3.99 6.24
CA ALA A 17 -3.59 2.87 7.14
C ALA A 17 -4.61 1.96 6.48
N HIS A 18 -4.77 0.71 6.98
CA HIS A 18 -5.63 -0.28 6.33
C HIS A 18 -4.88 -1.03 5.25
N LEU A 19 -3.66 -0.60 4.83
CA LEU A 19 -3.01 -1.23 3.69
C LEU A 19 -1.63 -1.69 4.09
N GLY A 20 -1.05 -2.69 3.37
CA GLY A 20 0.33 -3.13 3.65
C GLY A 20 0.98 -3.35 2.30
N CYS A 21 2.08 -2.65 1.95
CA CYS A 21 2.51 -2.65 0.55
C CYS A 21 3.02 -4.00 0.10
N ARG A 22 2.73 -4.43 -1.14
CA ARG A 22 3.28 -5.69 -1.65
C ARG A 22 4.78 -5.60 -1.58
N THR A 23 5.49 -6.70 -1.23
CA THR A 23 6.96 -6.71 -1.28
C THR A 23 7.37 -7.42 -2.56
N LYS A 24 6.82 -6.98 -3.70
CA LYS A 24 7.12 -7.60 -5.00
C LYS A 24 6.49 -6.76 -6.08
N TRP A 25 6.89 -6.89 -7.36
CA TRP A 25 6.32 -6.00 -8.37
C TRP A 25 4.94 -6.48 -8.74
N PRO A 26 3.87 -5.63 -8.90
CA PRO A 26 3.95 -4.21 -8.61
C PRO A 26 3.97 -3.99 -7.12
N TYR A 27 4.71 -2.98 -6.63
CA TYR A 27 4.81 -2.74 -5.18
C TYR A 27 3.73 -1.74 -4.84
N TYR A 28 2.44 -2.14 -4.77
CA TYR A 28 1.37 -1.16 -4.54
C TYR A 28 0.83 -1.24 -3.12
N CYS A 29 0.24 -0.14 -2.60
CA CYS A 29 -0.30 -0.17 -1.24
C CYS A 29 -1.45 -1.14 -1.32
N ALA A 30 -1.41 -2.30 -0.62
CA ALA A 30 -2.31 -3.41 -0.96
C ALA A 30 -3.22 -3.74 0.18
N TRP A 31 -4.32 -4.47 -0.12
CA TRP A 31 -5.36 -4.73 0.87
C TRP A 31 -4.80 -5.54 2.02
N ASP A 32 -4.65 -4.96 3.24
CA ASP A 32 -4.18 -5.76 4.37
C ASP A 32 -5.35 -6.59 4.84
N GLY A 33 -6.49 -5.94 5.14
CA GLY A 33 -7.67 -6.66 5.61
C GLY A 33 -8.92 -5.81 5.43
N THR A 34 -8.95 -4.62 6.06
CA THR A 34 -10.04 -3.66 5.82
C THR A 34 -9.60 -2.71 4.72
N VAL A 35 -10.53 -1.86 4.24
CA VAL A 35 -10.20 -0.91 3.16
C VAL A 35 -11.25 0.19 3.17
N NH2 A 36 -10.93 1.43 2.77
HN1 NH2 A 36 -11.62 2.15 2.78
HN2 NH2 A 36 -10.00 1.67 2.46
N GLU A 1 -0.71 13.52 4.77
CA GLU A 1 -1.40 12.91 3.61
C GLU A 1 -0.82 11.53 3.35
N CYS A 2 -1.51 10.66 2.57
CA CYS A 2 -1.01 9.29 2.37
C CYS A 2 -1.52 8.69 1.08
N ARG A 3 -1.15 7.42 0.76
CA ARG A 3 -1.51 6.81 -0.53
C ARG A 3 -2.47 5.67 -0.33
N GLN A 4 -3.47 5.52 -1.24
CA GLN A 4 -4.60 4.63 -1.01
C GLN A 4 -4.43 3.31 -1.74
N MET A 5 -5.40 2.37 -1.61
CA MET A 5 -5.21 1.03 -2.15
C MET A 5 -4.84 1.07 -3.61
N PHE A 6 -4.03 0.10 -4.07
CA PHE A 6 -3.58 0.08 -5.45
C PHE A 6 -2.76 1.29 -5.83
N GLY A 7 -2.26 2.14 -4.89
CA GLY A 7 -1.41 3.25 -5.31
C GLY A 7 0.03 2.80 -5.27
N GLY A 8 0.82 3.04 -6.34
CA GLY A 8 2.22 2.58 -6.36
C GLY A 8 3.01 3.08 -5.18
N CYS A 9 3.50 2.21 -4.28
CA CYS A 9 4.30 2.63 -3.15
C CYS A 9 5.75 2.35 -3.50
N THR A 10 6.68 2.86 -2.68
CA THR A 10 8.00 2.24 -2.59
C THR A 10 8.10 1.40 -1.33
N LYS A 11 7.33 1.66 -0.24
CA LYS A 11 7.37 0.82 0.96
C LYS A 11 6.04 0.93 1.68
N ASP A 12 5.74 0.09 2.70
CA ASP A 12 4.51 0.28 3.46
C ASP A 12 4.46 1.67 4.02
N SER A 13 5.59 2.20 4.53
CA SER A 13 5.57 3.55 5.07
C SER A 13 4.92 4.54 4.11
N GLU A 14 4.96 4.30 2.78
CA GLU A 14 4.31 5.22 1.84
C GLU A 14 2.90 4.77 1.54
N CYS A 15 2.11 4.32 2.56
CA CYS A 15 0.71 3.98 2.35
C CYS A 15 -0.18 4.52 3.45
N CYS A 16 -1.51 4.55 3.20
CA CYS A 16 -2.47 4.94 4.23
C CYS A 16 -2.71 3.75 5.13
N ALA A 17 -3.37 3.95 6.29
CA ALA A 17 -3.64 2.82 7.18
C ALA A 17 -4.64 1.91 6.49
N HIS A 18 -4.81 0.67 6.97
CA HIS A 18 -5.67 -0.33 6.31
C HIS A 18 -4.90 -1.09 5.25
N LEU A 19 -3.67 -0.69 4.86
CA LEU A 19 -3.01 -1.31 3.71
C LEU A 19 -1.63 -1.78 4.10
N GLY A 20 -1.02 -2.72 3.33
CA GLY A 20 0.35 -3.14 3.57
C GLY A 20 1.01 -3.33 2.23
N CYS A 21 2.09 -2.60 1.88
CA CYS A 21 2.53 -2.59 0.49
C CYS A 21 3.10 -3.92 0.07
N ARG A 22 2.86 -4.36 -1.19
CA ARG A 22 3.44 -5.62 -1.66
C ARG A 22 4.94 -5.49 -1.64
N THR A 23 5.70 -6.54 -1.21
CA THR A 23 7.16 -6.49 -1.26
C THR A 23 7.62 -7.22 -2.50
N LYS A 24 7.04 -6.87 -3.66
CA LYS A 24 7.35 -7.55 -4.92
C LYS A 24 6.71 -6.75 -6.04
N TRP A 25 7.01 -7.02 -7.33
CA TRP A 25 6.41 -6.22 -8.38
C TRP A 25 4.99 -6.68 -8.64
N PRO A 26 3.95 -5.83 -8.82
CA PRO A 26 4.06 -4.39 -8.60
C PRO A 26 4.09 -4.10 -7.12
N TYR A 27 4.60 -2.92 -6.69
CA TYR A 27 4.72 -2.61 -5.27
C TYR A 27 3.62 -1.63 -4.96
N TYR A 28 2.35 -2.09 -4.79
CA TYR A 28 1.25 -1.15 -4.56
C TYR A 28 0.73 -1.23 -3.15
N CYS A 29 0.16 -0.13 -2.61
CA CYS A 29 -0.36 -0.17 -1.25
C CYS A 29 -1.49 -1.17 -1.32
N ALA A 30 -1.42 -2.34 -0.65
CA ALA A 30 -2.32 -3.44 -0.98
C ALA A 30 -3.25 -3.77 0.15
N TRP A 31 -4.34 -4.51 -0.16
CA TRP A 31 -5.42 -4.73 0.81
C TRP A 31 -4.90 -5.55 1.98
N ASP A 32 -4.79 -4.98 3.21
CA ASP A 32 -4.40 -5.81 4.35
C ASP A 32 -5.62 -6.59 4.77
N GLY A 33 -6.74 -5.88 5.04
CA GLY A 33 -7.97 -6.56 5.47
C GLY A 33 -9.17 -5.66 5.25
N THR A 34 -9.19 -4.46 5.88
CA THR A 34 -10.25 -3.47 5.61
C THR A 34 -9.76 -2.54 4.52
N VAL A 35 -10.65 -1.66 4.01
CA VAL A 35 -10.29 -0.72 2.94
C VAL A 35 -11.33 0.39 2.89
N NH2 A 36 -11.00 1.62 2.45
HN1 NH2 A 36 -11.69 2.33 2.40
HN2 NH2 A 36 -10.06 1.84 2.17
#